data_6MN6
#
_entry.id   6MN6
#
_cell.length_a   128.063
_cell.length_b   128.063
_cell.length_c   111.316
_cell.angle_alpha   90.00
_cell.angle_beta   90.00
_cell.angle_gamma   120.00
#
_symmetry.space_group_name_H-M   'P 32 2 1'
#
_entity_poly.entity_id   1
_entity_poly.type   'polypeptide(L)'
_entity_poly.pdbx_seq_one_letter_code
;GPLGSDPYSDLSKGVLRCRTVEDVLTPLEDCFMLDASTVLDFGVLASIMQSGHTRIPVYEEERSNIVDMLYLKDLAFVDP
EDCTPLSTITRFYNHPLHFVFNDTKLDAVLEEFKRGKSHLAIVQKVNNEGEGDPFYEVLGLVTLEDVIEEIIRSEILDES
EDYRDTVVKRKPASLMAPLKRKEEFSLFKVSDDEYKVTISPQLLLATQRFLSREVDVFSPLRISEKVLLHLLKHPSVNQE
VRFDESNRLATHHYLYQRSQPVDYFILILQGRVEVEIGKEGLKFENGAFTYYGVSALTVPSSVHQSPVSSLQPIRHDLQP
DPGDGTHSSAYCPDYTVRALSDLQLIKVTRLQYLNALLATRAQNL
;
_entity_poly.pdbx_strand_id   A,B
#
# COMPACT_ATOMS: atom_id res chain seq x y z
N CYS A 18 5.94 2.81 27.56
CA CYS A 18 6.75 1.62 27.81
C CYS A 18 6.73 1.26 29.29
N ARG A 19 5.55 1.30 29.90
CA ARG A 19 5.39 1.03 31.33
C ARG A 19 4.68 -0.29 31.58
N THR A 20 3.43 -0.43 31.13
CA THR A 20 2.60 -1.59 31.44
C THR A 20 2.04 -2.18 30.16
N VAL A 21 1.41 -3.36 30.32
CA VAL A 21 0.74 -4.00 29.19
C VAL A 21 -0.23 -3.05 28.52
N GLU A 22 -1.00 -2.32 29.32
CA GLU A 22 -2.04 -1.45 28.79
C GLU A 22 -1.51 -0.53 27.70
N ASP A 23 -0.25 -0.14 27.78
CA ASP A 23 0.31 0.85 26.86
C ASP A 23 0.58 0.30 25.47
N VAL A 24 0.54 -1.02 25.26
CA VAL A 24 0.97 -1.57 23.98
C VAL A 24 0.01 -2.63 23.46
N LEU A 25 -0.95 -3.04 24.28
CA LEU A 25 -1.89 -4.06 23.84
C LEU A 25 -2.74 -3.53 22.69
N THR A 26 -3.44 -4.45 22.01
CA THR A 26 -4.38 -4.08 20.97
C THR A 26 -5.81 -4.41 21.39
N PRO A 27 -6.78 -3.53 21.15
CA PRO A 27 -8.10 -3.70 21.76
C PRO A 27 -8.95 -4.74 21.05
N LEU A 28 -9.90 -5.28 21.82
CA LEU A 28 -10.83 -6.28 21.31
C LEU A 28 -11.47 -5.84 20.00
N GLU A 29 -11.74 -4.54 19.86
CA GLU A 29 -12.37 -4.04 18.64
C GLU A 29 -11.56 -4.41 17.40
N ASP A 30 -10.23 -4.27 17.48
CA ASP A 30 -9.37 -4.43 16.32
C ASP A 30 -8.77 -5.84 16.22
N CYS A 31 -9.18 -6.76 17.08
CA CYS A 31 -8.65 -8.11 17.06
C CYS A 31 -9.47 -9.01 16.16
N PHE A 32 -8.85 -10.09 15.71
CA PHE A 32 -9.47 -11.08 14.84
C PHE A 32 -9.74 -12.34 15.66
N MET A 33 -11.00 -12.72 15.76
CA MET A 33 -11.42 -13.89 16.52
C MET A 33 -12.42 -14.70 15.71
N LEU A 34 -12.84 -15.82 16.27
CA LEU A 34 -13.84 -16.68 15.65
C LEU A 34 -14.78 -17.21 16.74
N ASP A 35 -16.08 -17.22 16.42
CA ASP A 35 -17.05 -17.75 17.36
C ASP A 35 -16.84 -19.26 17.56
N ALA A 36 -17.24 -19.74 18.74
CA ALA A 36 -17.05 -21.15 19.05
C ALA A 36 -17.93 -22.04 18.17
N SER A 37 -19.18 -21.65 17.96
CA SER A 37 -20.07 -22.40 17.08
C SER A 37 -19.74 -22.23 15.61
N THR A 38 -18.69 -21.49 15.28
CA THR A 38 -18.33 -21.24 13.88
C THR A 38 -18.10 -22.55 13.16
N VAL A 39 -18.83 -22.75 12.06
CA VAL A 39 -18.52 -23.84 11.14
C VAL A 39 -17.24 -23.49 10.40
N LEU A 40 -16.37 -24.49 10.22
CA LEU A 40 -15.11 -24.26 9.51
C LEU A 40 -15.30 -24.54 8.02
N ASP A 41 -16.11 -23.69 7.41
CA ASP A 41 -16.35 -23.75 5.97
C ASP A 41 -15.11 -23.22 5.25
N PHE A 42 -15.23 -23.06 3.92
CA PHE A 42 -14.11 -22.59 3.11
C PHE A 42 -13.78 -21.14 3.42
N GLY A 43 -14.81 -20.31 3.63
CA GLY A 43 -14.58 -18.89 3.83
C GLY A 43 -13.73 -18.60 5.05
N VAL A 44 -14.05 -19.25 6.17
CA VAL A 44 -13.29 -19.01 7.40
C VAL A 44 -11.82 -19.38 7.20
N LEU A 45 -11.57 -20.49 6.50
CA LEU A 45 -10.20 -20.93 6.28
C LEU A 45 -9.44 -19.91 5.44
N ALA A 46 -10.03 -19.49 4.32
CA ALA A 46 -9.40 -18.46 3.50
C ALA A 46 -9.14 -17.20 4.32
N SER A 47 -10.13 -16.78 5.12
CA SER A 47 -10.00 -15.57 5.90
C SER A 47 -8.84 -15.67 6.88
N ILE A 48 -8.76 -16.76 7.63
CA ILE A 48 -7.68 -16.93 8.59
C ILE A 48 -6.33 -16.91 7.88
N MET A 49 -6.19 -17.71 6.82
CA MET A 49 -4.91 -17.75 6.12
C MET A 49 -4.52 -16.38 5.59
N GLN A 50 -5.50 -15.56 5.19
CA GLN A 50 -5.17 -14.20 4.77
C GLN A 50 -4.81 -13.31 5.95
N SER A 51 -5.37 -13.59 7.12
CA SER A 51 -5.04 -12.78 8.30
C SER A 51 -3.60 -12.99 8.75
N GLY A 52 -3.08 -14.20 8.58
CA GLY A 52 -1.71 -14.48 8.95
C GLY A 52 -1.46 -14.33 10.44
N HIS A 53 -2.27 -15.01 11.24
CA HIS A 53 -2.16 -14.97 12.69
C HIS A 53 -1.97 -16.39 13.20
N THR A 54 -0.89 -16.61 13.96
CA THR A 54 -0.63 -17.91 14.54
C THR A 54 -1.55 -18.24 15.71
N ARG A 55 -2.37 -17.30 16.16
CA ARG A 55 -3.25 -17.52 17.28
C ARG A 55 -4.55 -16.77 17.06
N ILE A 56 -5.68 -17.46 17.23
CA ILE A 56 -7.00 -16.88 17.09
C ILE A 56 -7.81 -17.24 18.34
N PRO A 57 -8.25 -16.27 19.13
CA PRO A 57 -9.12 -16.58 20.26
C PRO A 57 -10.49 -17.08 19.80
N VAL A 58 -11.16 -17.78 20.71
CA VAL A 58 -12.48 -18.36 20.46
C VAL A 58 -13.36 -17.96 21.63
N TYR A 59 -14.36 -17.13 21.37
CA TYR A 59 -15.28 -16.66 22.41
C TYR A 59 -16.52 -17.54 22.47
N GLU A 60 -17.01 -17.75 23.70
CA GLU A 60 -18.18 -18.59 23.92
C GLU A 60 -19.44 -17.92 23.37
N GLU A 61 -19.93 -16.89 24.07
CA GLU A 61 -21.12 -16.16 23.66
C GLU A 61 -20.78 -14.79 23.09
N GLU A 62 -20.08 -13.96 23.86
CA GLU A 62 -19.71 -12.61 23.46
C GLU A 62 -18.19 -12.52 23.31
N ARG A 63 -17.75 -11.61 22.44
CA ARG A 63 -16.32 -11.44 22.21
C ARG A 63 -15.56 -11.19 23.51
N SER A 64 -16.19 -10.49 24.46
CA SER A 64 -15.52 -10.20 25.73
C SER A 64 -15.19 -11.48 26.50
N ASN A 65 -15.94 -12.55 26.25
CA ASN A 65 -15.74 -13.83 26.94
C ASN A 65 -14.99 -14.76 26.01
N ILE A 66 -13.66 -14.83 26.19
CA ILE A 66 -12.83 -15.77 25.44
C ILE A 66 -12.77 -17.08 26.21
N VAL A 67 -13.01 -18.19 25.51
CA VAL A 67 -13.14 -19.49 26.17
C VAL A 67 -12.07 -20.45 25.68
N ASP A 68 -11.62 -20.29 24.45
CA ASP A 68 -10.64 -21.21 23.89
C ASP A 68 -9.60 -20.46 23.07
N MET A 69 -8.52 -21.16 22.75
CA MET A 69 -7.42 -20.63 21.96
C MET A 69 -7.20 -21.56 20.77
N LEU A 70 -7.00 -20.99 19.59
CA LEU A 70 -6.81 -21.78 18.37
C LEU A 70 -5.43 -21.47 17.81
N TYR A 71 -4.55 -22.46 17.83
CA TYR A 71 -3.26 -22.35 17.18
C TYR A 71 -3.39 -22.67 15.71
N LEU A 72 -2.60 -21.97 14.88
CA LEU A 72 -2.63 -22.22 13.45
C LEU A 72 -2.15 -23.64 13.12
N LYS A 73 -1.19 -24.15 13.89
CA LYS A 73 -0.73 -25.52 13.71
C LYS A 73 -1.90 -26.50 13.68
N ASP A 74 -2.90 -26.28 14.54
CA ASP A 74 -4.05 -27.18 14.65
C ASP A 74 -4.98 -27.10 13.45
N LEU A 75 -4.86 -26.06 12.62
CA LEU A 75 -5.84 -25.76 11.61
C LEU A 75 -5.33 -25.99 10.19
N ALA A 76 -4.07 -26.40 10.03
CA ALA A 76 -3.51 -26.52 8.69
C ALA A 76 -4.23 -27.59 7.88
N PHE A 77 -4.29 -28.81 8.38
CA PHE A 77 -4.75 -29.96 7.61
C PHE A 77 -6.24 -30.22 7.74
N VAL A 78 -7.05 -29.18 7.96
CA VAL A 78 -8.50 -29.35 7.98
C VAL A 78 -9.01 -29.30 6.55
N ASP A 79 -9.98 -30.17 6.24
CA ASP A 79 -10.52 -30.27 4.89
C ASP A 79 -11.70 -29.32 4.76
N PRO A 80 -11.65 -28.32 3.87
CA PRO A 80 -12.83 -27.46 3.68
C PRO A 80 -14.07 -28.24 3.30
N GLU A 81 -13.90 -29.35 2.57
CA GLU A 81 -15.03 -30.20 2.22
C GLU A 81 -15.60 -30.94 3.42
N ASP A 82 -14.79 -31.16 4.47
CA ASP A 82 -15.29 -31.83 5.66
C ASP A 82 -16.31 -30.97 6.41
N CYS A 83 -16.20 -29.65 6.30
CA CYS A 83 -17.10 -28.74 7.01
C CYS A 83 -17.17 -29.08 8.48
N THR A 84 -16.00 -29.35 9.07
CA THR A 84 -15.95 -29.67 10.49
C THR A 84 -16.29 -28.43 11.33
N PRO A 85 -16.78 -28.62 12.54
CA PRO A 85 -16.98 -27.48 13.44
C PRO A 85 -15.75 -27.18 14.28
N LEU A 86 -15.43 -25.89 14.39
CA LEU A 86 -14.27 -25.48 15.18
C LEU A 86 -14.27 -26.11 16.57
N SER A 87 -15.45 -26.46 17.08
CA SER A 87 -15.54 -27.12 18.37
C SER A 87 -14.66 -28.37 18.39
N THR A 88 -14.73 -29.18 17.34
CA THR A 88 -13.95 -30.42 17.31
C THR A 88 -12.46 -30.12 17.38
N ILE A 89 -11.97 -29.21 16.54
CA ILE A 89 -10.54 -28.88 16.53
C ILE A 89 -10.11 -28.42 17.91
N THR A 90 -10.77 -27.38 18.43
CA THR A 90 -10.36 -26.79 19.70
C THR A 90 -10.43 -27.82 20.83
N ARG A 91 -11.54 -28.53 20.96
CA ARG A 91 -11.69 -29.51 22.02
C ARG A 91 -10.73 -30.68 21.87
N PHE A 92 -10.24 -30.93 20.65
CA PHE A 92 -9.25 -31.98 20.47
C PHE A 92 -7.87 -31.53 20.93
N TYR A 93 -7.49 -30.30 20.59
CA TYR A 93 -6.15 -29.84 20.96
C TYR A 93 -6.11 -29.22 22.35
N ASN A 94 -7.22 -28.66 22.82
CA ASN A 94 -7.31 -28.13 24.20
C ASN A 94 -6.07 -27.34 24.57
N HIS A 95 -5.90 -26.16 24.00
CA HIS A 95 -4.76 -25.32 24.31
C HIS A 95 -5.11 -24.41 25.48
N PRO A 96 -4.34 -24.42 26.57
CA PRO A 96 -4.68 -23.59 27.73
C PRO A 96 -4.60 -22.11 27.39
N LEU A 97 -5.09 -21.30 28.33
CA LEU A 97 -5.23 -19.86 28.14
C LEU A 97 -4.27 -19.11 29.05
N HIS A 98 -4.01 -17.86 28.69
CA HIS A 98 -3.11 -16.98 29.45
C HIS A 98 -3.81 -15.66 29.68
N PHE A 99 -4.20 -15.41 30.93
CA PHE A 99 -4.76 -14.12 31.32
C PHE A 99 -3.66 -13.25 31.92
N VAL A 100 -4.00 -11.98 32.16
CA VAL A 100 -3.10 -11.06 32.85
C VAL A 100 -3.83 -9.76 33.10
N PHE A 101 -3.31 -8.95 34.01
CA PHE A 101 -3.89 -7.67 34.31
C PHE A 101 -3.25 -6.58 33.45
N ASN A 102 -3.81 -5.37 33.54
CA ASN A 102 -3.28 -4.23 32.81
C ASN A 102 -2.17 -3.51 33.57
N ASP A 103 -2.18 -3.59 34.90
CA ASP A 103 -1.19 -2.88 35.70
C ASP A 103 0.18 -3.54 35.68
N THR A 104 0.30 -4.76 35.17
CA THR A 104 1.56 -5.49 35.24
C THR A 104 2.56 -4.92 34.24
N LYS A 105 3.82 -4.82 34.67
CA LYS A 105 4.87 -4.21 33.86
C LYS A 105 5.21 -5.14 32.68
N LEU A 106 6.14 -4.67 31.84
CA LEU A 106 6.53 -5.43 30.66
C LEU A 106 7.48 -6.57 31.01
N ASP A 107 8.42 -6.35 31.92
CA ASP A 107 9.34 -7.41 32.29
C ASP A 107 8.60 -8.56 32.97
N ALA A 108 7.64 -8.25 33.82
CA ALA A 108 6.85 -9.29 34.47
C ALA A 108 6.12 -10.14 33.44
N VAL A 109 5.53 -9.50 32.42
CA VAL A 109 4.80 -10.25 31.41
C VAL A 109 5.75 -11.02 30.50
N LEU A 110 6.97 -10.51 30.29
CA LEU A 110 7.94 -11.28 29.53
C LEU A 110 8.31 -12.54 30.28
N GLU A 111 8.57 -12.43 31.57
CA GLU A 111 8.84 -13.63 32.38
C GLU A 111 7.63 -14.56 32.37
N GLU A 112 6.43 -14.00 32.39
CA GLU A 112 5.22 -14.83 32.34
C GLU A 112 5.16 -15.61 31.03
N PHE A 113 5.35 -14.93 29.90
CA PHE A 113 5.38 -15.60 28.61
C PHE A 113 6.44 -16.69 28.58
N LYS A 114 7.62 -16.41 29.14
CA LYS A 114 8.74 -17.34 29.02
C LYS A 114 8.53 -18.57 29.89
N ARG A 115 8.32 -18.38 31.19
CA ARG A 115 8.12 -19.51 32.08
C ARG A 115 6.86 -20.28 31.71
N GLY A 116 5.77 -19.58 31.44
CA GLY A 116 4.63 -20.19 30.77
C GLY A 116 5.01 -20.55 29.34
N LYS A 117 4.06 -21.19 28.65
CA LYS A 117 4.29 -21.65 27.29
C LYS A 117 3.26 -21.05 26.33
N SER A 118 2.88 -19.80 26.58
CA SER A 118 1.89 -19.11 25.76
C SER A 118 2.54 -17.90 25.10
N HIS A 119 2.16 -17.65 23.84
CA HIS A 119 2.71 -16.55 23.06
C HIS A 119 1.92 -15.26 23.21
N LEU A 120 0.67 -15.33 23.66
CA LEU A 120 -0.13 -14.14 23.89
C LEU A 120 -0.98 -14.33 25.12
N ALA A 121 -1.42 -13.21 25.69
CA ALA A 121 -2.31 -13.21 26.84
C ALA A 121 -3.45 -12.24 26.58
N ILE A 122 -4.49 -12.36 27.39
CA ILE A 122 -5.66 -11.50 27.29
C ILE A 122 -5.71 -10.63 28.55
N VAL A 123 -5.74 -9.32 28.34
CA VAL A 123 -5.57 -8.34 29.41
C VAL A 123 -6.91 -8.06 30.06
N GLN A 124 -6.87 -7.78 31.37
CA GLN A 124 -8.06 -7.51 32.15
C GLN A 124 -7.86 -6.27 33.00
N LYS A 125 -8.72 -5.28 32.81
CA LYS A 125 -8.76 -4.08 33.63
C LYS A 125 -10.08 -4.04 34.38
N VAL A 126 -10.19 -3.07 35.29
CA VAL A 126 -11.41 -2.87 36.07
C VAL A 126 -12.14 -1.66 35.51
N ASN A 127 -13.42 -1.84 35.19
CA ASN A 127 -14.29 -0.71 34.84
C ASN A 127 -15.25 -0.47 35.99
N ASN A 128 -14.71 -0.36 37.20
CA ASN A 128 -15.50 -0.19 38.41
C ASN A 128 -15.34 1.21 38.98
N PRO A 134 -18.99 -3.10 39.33
CA PRO A 134 -17.67 -3.72 39.48
C PRO A 134 -17.51 -4.97 38.61
N PHE A 135 -16.56 -4.96 37.68
CA PHE A 135 -16.39 -6.09 36.79
C PHE A 135 -15.01 -6.04 36.14
N TYR A 136 -14.51 -7.22 35.77
CA TYR A 136 -13.25 -7.36 35.05
C TYR A 136 -13.55 -7.31 33.55
N GLU A 137 -13.35 -6.15 32.93
CA GLU A 137 -13.54 -6.02 31.50
C GLU A 137 -12.25 -6.42 30.78
N VAL A 138 -12.39 -7.29 29.79
CA VAL A 138 -11.24 -7.69 28.96
C VAL A 138 -10.88 -6.51 28.07
N LEU A 139 -9.63 -6.06 28.15
CA LEU A 139 -9.19 -4.91 27.36
C LEU A 139 -8.78 -5.33 25.95
N GLY A 140 -8.10 -6.47 25.81
CA GLY A 140 -7.60 -6.89 24.52
C GLY A 140 -6.60 -8.01 24.67
N LEU A 141 -5.72 -8.13 23.69
CA LEU A 141 -4.72 -9.18 23.68
C LEU A 141 -3.33 -8.57 23.54
N VAL A 142 -2.42 -9.00 24.40
CA VAL A 142 -1.02 -8.62 24.34
C VAL A 142 -0.25 -9.80 23.81
N THR A 143 0.44 -9.61 22.69
CA THR A 143 1.28 -10.65 22.10
C THR A 143 2.73 -10.38 22.48
N LEU A 144 3.50 -11.47 22.65
CA LEU A 144 4.92 -11.32 22.95
C LEU A 144 5.59 -10.41 21.92
N GLU A 145 5.19 -10.53 20.66
CA GLU A 145 5.69 -9.63 19.64
C GLU A 145 5.57 -8.18 20.09
N ASP A 146 4.40 -7.80 20.59
CA ASP A 146 4.18 -6.42 21.03
C ASP A 146 5.16 -6.03 22.13
N VAL A 147 5.35 -6.91 23.11
CA VAL A 147 6.17 -6.57 24.27
C VAL A 147 7.63 -6.42 23.85
N ILE A 148 8.16 -7.40 23.11
CA ILE A 148 9.53 -7.31 22.64
C ILE A 148 9.71 -6.07 21.76
N GLU A 149 8.75 -5.83 20.86
CA GLU A 149 8.79 -4.63 20.04
C GLU A 149 8.97 -3.40 20.91
N GLU A 150 8.03 -3.17 21.82
CA GLU A 150 8.08 -1.99 22.67
C GLU A 150 9.42 -1.89 23.38
N ILE A 151 9.88 -2.98 23.96
CA ILE A 151 11.09 -2.93 24.79
C ILE A 151 12.30 -2.58 23.94
N ILE A 152 12.65 -3.44 22.97
CA ILE A 152 13.87 -3.21 22.20
C ILE A 152 13.59 -2.31 21.02
N ARG A 153 12.56 -1.47 21.12
CA ARG A 153 12.38 -0.37 20.19
C ARG A 153 12.37 0.99 20.88
N SER A 154 11.76 1.09 22.05
CA SER A 154 11.62 2.37 22.72
C SER A 154 12.95 2.94 23.20
N GLU A 155 14.02 2.14 23.22
CA GLU A 155 15.31 2.59 23.73
C GLU A 155 16.37 2.73 22.65
N ILE A 156 16.02 2.52 21.38
CA ILE A 156 16.90 2.81 20.27
C ILE A 156 16.10 3.63 19.26
N LEU A 157 16.44 4.91 19.13
CA LEU A 157 15.77 5.78 18.19
C LEU A 157 16.51 5.77 16.86
N ASP A 158 15.86 6.28 15.83
CA ASP A 158 16.47 6.46 14.52
C ASP A 158 16.31 7.92 14.14
N GLU A 159 17.43 8.65 14.10
CA GLU A 159 17.37 10.09 13.86
C GLU A 159 16.83 10.46 12.48
N SER A 160 16.52 9.49 11.61
CA SER A 160 15.92 9.75 10.32
C SER A 160 14.39 9.69 10.35
N GLU A 161 13.80 9.26 11.46
CA GLU A 161 12.35 9.26 11.60
C GLU A 161 11.83 10.52 12.28
N ASP A 162 12.69 11.25 12.99
CA ASP A 162 12.36 12.59 13.44
C ASP A 162 12.47 13.55 12.26
N TYR A 163 11.82 14.70 12.39
CA TYR A 163 11.76 15.68 11.30
C TYR A 163 12.15 17.06 11.81
N ARG A 164 13.39 17.44 11.50
CA ARG A 164 13.94 18.76 11.78
C ARG A 164 14.16 19.56 10.50
N ASP A 165 13.42 19.24 9.44
CA ASP A 165 13.57 19.89 8.15
C ASP A 165 13.01 21.31 8.12
N THR A 166 12.48 21.81 9.24
CA THR A 166 12.18 23.23 9.33
C THR A 166 13.45 24.06 9.21
N VAL A 167 14.57 23.53 9.70
CA VAL A 167 15.83 24.26 9.70
C VAL A 167 16.29 24.50 8.27
N VAL A 168 16.35 25.77 7.88
CA VAL A 168 16.82 26.13 6.54
C VAL A 168 18.33 25.96 6.50
N LYS A 169 18.80 25.00 5.72
CA LYS A 169 20.24 24.69 5.64
C LYS A 169 20.94 25.39 4.49
N ARG A 170 20.25 25.62 3.37
CA ARG A 170 20.82 26.33 2.23
C ARG A 170 20.20 27.72 2.14
N LYS A 171 20.92 28.62 1.48
CA LYS A 171 20.46 30.00 1.37
C LYS A 171 19.06 30.02 0.74
N PRO A 172 18.16 30.89 1.22
CA PRO A 172 16.81 30.91 0.67
C PRO A 172 16.66 31.87 -0.51
N ALA A 173 16.43 31.31 -1.71
CA ALA A 173 16.26 32.14 -2.89
C ALA A 173 14.94 32.91 -2.83
N SER A 174 14.93 34.08 -3.46
CA SER A 174 13.73 34.89 -3.56
C SER A 174 12.98 34.64 -4.87
N LEU A 175 13.04 33.41 -5.38
CA LEU A 175 12.38 33.06 -6.64
C LEU A 175 10.92 32.69 -6.41
N THR A 198 -12.97 24.13 1.00
CA THR A 198 -13.69 25.18 0.28
C THR A 198 -15.14 24.77 0.02
N ILE A 199 -15.31 23.57 -0.52
CA ILE A 199 -16.62 23.10 -0.95
C ILE A 199 -17.13 22.09 0.07
N SER A 200 -18.43 21.77 -0.01
CA SER A 200 -19.16 20.93 0.93
C SER A 200 -18.31 19.81 1.53
N PRO A 201 -18.25 19.70 2.86
CA PRO A 201 -17.46 18.62 3.46
C PRO A 201 -18.00 17.23 3.17
N GLN A 202 -19.32 17.08 2.99
CA GLN A 202 -19.88 15.75 2.76
C GLN A 202 -19.37 15.15 1.45
N LEU A 203 -19.56 15.87 0.34
CA LEU A 203 -19.05 15.36 -0.92
C LEU A 203 -17.52 15.38 -0.96
N LEU A 204 -16.87 16.18 -0.13
CA LEU A 204 -15.41 16.15 -0.08
C LEU A 204 -14.93 14.84 0.54
N LEU A 205 -15.52 14.45 1.68
CA LEU A 205 -15.22 13.13 2.24
C LEU A 205 -15.57 12.04 1.25
N ALA A 206 -16.70 12.20 0.53
CA ALA A 206 -17.04 11.21 -0.49
C ALA A 206 -15.96 11.11 -1.55
N THR A 207 -15.40 12.25 -1.95
CA THR A 207 -14.31 12.24 -2.92
C THR A 207 -13.08 11.53 -2.37
N GLN A 208 -12.72 11.82 -1.12
CA GLN A 208 -11.58 11.16 -0.52
C GLN A 208 -11.77 9.65 -0.48
N ARG A 209 -12.96 9.21 -0.05
CA ARG A 209 -13.24 7.77 -0.01
C ARG A 209 -13.22 7.16 -1.40
N PHE A 210 -13.83 7.85 -2.37
CA PHE A 210 -13.85 7.35 -3.74
C PHE A 210 -12.44 7.16 -4.28
N LEU A 211 -11.58 8.15 -4.10
CA LEU A 211 -10.21 8.04 -4.58
C LEU A 211 -9.46 6.93 -3.85
N SER A 212 -9.59 6.87 -2.53
CA SER A 212 -8.89 5.83 -1.76
C SER A 212 -9.33 4.44 -2.20
N ARG A 213 -10.61 4.27 -2.54
CA ARG A 213 -11.14 2.95 -2.86
C ARG A 213 -11.00 2.58 -4.34
N GLU A 214 -10.86 3.55 -5.25
CA GLU A 214 -10.93 3.26 -6.67
C GLU A 214 -9.67 3.60 -7.44
N VAL A 215 -9.00 4.70 -7.14
CA VAL A 215 -7.77 5.09 -7.82
C VAL A 215 -6.59 4.63 -6.98
N ASP A 216 -5.62 4.00 -7.64
CA ASP A 216 -4.52 3.36 -6.92
C ASP A 216 -3.51 4.37 -6.38
N VAL A 217 -3.13 5.36 -7.20
CA VAL A 217 -2.10 6.30 -6.77
C VAL A 217 -2.49 7.00 -5.48
N PHE A 218 -3.77 7.04 -5.15
CA PHE A 218 -4.25 7.57 -3.88
C PHE A 218 -4.61 6.47 -2.89
N SER A 219 -4.13 5.25 -3.12
CA SER A 219 -4.41 4.15 -2.22
C SER A 219 -3.90 4.48 -0.82
N PRO A 220 -4.57 3.99 0.22
CA PRO A 220 -4.05 4.21 1.59
C PRO A 220 -2.64 3.70 1.78
N LEU A 221 -2.19 2.73 0.96
CA LEU A 221 -0.84 2.23 1.07
C LEU A 221 0.18 3.28 0.65
N ARG A 222 -0.23 4.23 -0.20
CA ARG A 222 0.65 5.29 -0.67
C ARG A 222 0.42 6.62 0.05
N ILE A 223 -0.83 7.02 0.26
CA ILE A 223 -1.16 8.25 0.96
C ILE A 223 -2.21 7.94 2.01
N SER A 224 -1.89 8.23 3.27
CA SER A 224 -2.83 7.97 4.36
C SER A 224 -4.12 8.75 4.15
N GLU A 225 -5.21 8.21 4.68
CA GLU A 225 -6.51 8.87 4.54
C GLU A 225 -6.45 10.29 5.10
N LYS A 226 -5.72 10.47 6.20
CA LYS A 226 -5.57 11.81 6.77
C LYS A 226 -4.87 12.75 5.79
N VAL A 227 -3.72 12.32 5.25
CA VAL A 227 -2.96 13.18 4.36
C VAL A 227 -3.74 13.45 3.08
N LEU A 228 -4.46 12.44 2.57
CA LEU A 228 -5.25 12.64 1.36
C LEU A 228 -6.36 13.67 1.61
N LEU A 229 -7.08 13.51 2.72
CA LEU A 229 -8.10 14.48 3.08
C LEU A 229 -7.51 15.89 3.21
N HIS A 230 -6.35 16.00 3.86
CA HIS A 230 -5.72 17.31 4.01
C HIS A 230 -5.37 17.89 2.64
N LEU A 231 -4.91 17.05 1.72
CA LEU A 231 -4.56 17.54 0.39
C LEU A 231 -5.81 18.04 -0.34
N LEU A 232 -6.92 17.32 -0.24
CA LEU A 232 -8.14 17.76 -0.90
C LEU A 232 -8.63 19.08 -0.32
N LYS A 233 -8.30 19.36 0.94
CA LYS A 233 -8.59 20.63 1.59
C LYS A 233 -7.40 21.54 1.33
N HIS A 234 -7.43 22.26 0.21
CA HIS A 234 -6.30 23.13 -0.11
C HIS A 234 -6.65 24.05 -1.27
N PRO A 235 -6.25 25.32 -1.24
CA PRO A 235 -6.65 26.22 -2.34
C PRO A 235 -6.06 25.84 -3.70
N SER A 236 -4.77 25.49 -3.78
CA SER A 236 -4.19 25.11 -5.06
C SER A 236 -4.58 23.71 -5.51
N VAL A 237 -5.24 22.93 -4.66
CA VAL A 237 -5.68 21.59 -5.05
C VAL A 237 -7.15 21.67 -5.46
N ASN A 238 -8.01 22.13 -4.56
CA ASN A 238 -9.38 22.41 -4.94
C ASN A 238 -9.39 23.67 -5.78
N GLN A 239 -9.64 23.53 -7.08
CA GLN A 239 -9.56 24.64 -8.01
C GLN A 239 -10.88 24.84 -8.74
N GLU A 240 -11.06 26.05 -9.26
CA GLU A 240 -12.18 26.38 -10.12
C GLU A 240 -11.65 26.99 -11.40
N VAL A 241 -12.46 26.91 -12.45
CA VAL A 241 -12.12 27.46 -13.76
C VAL A 241 -13.36 28.17 -14.29
N ARG A 242 -13.18 29.40 -14.76
CA ARG A 242 -14.25 30.22 -15.31
C ARG A 242 -14.24 30.09 -16.83
N PHE A 243 -15.42 29.87 -17.40
CA PHE A 243 -15.56 29.56 -18.82
C PHE A 243 -15.90 30.83 -19.57
N ASP A 244 -14.91 31.38 -20.29
CA ASP A 244 -15.12 32.56 -21.11
C ASP A 244 -16.10 32.24 -22.22
N GLU A 245 -17.35 32.66 -22.05
CA GLU A 245 -18.40 32.28 -22.98
C GLU A 245 -18.17 32.88 -24.37
N SER A 246 -17.52 34.04 -24.44
CA SER A 246 -17.25 34.65 -25.75
C SER A 246 -16.23 33.84 -26.55
N ASN A 247 -15.05 33.62 -25.97
CA ASN A 247 -13.99 32.84 -26.59
C ASN A 247 -14.06 31.40 -26.08
N ARG A 248 -14.95 30.62 -26.69
CA ARG A 248 -15.21 29.26 -26.22
C ARG A 248 -13.96 28.39 -26.20
N LEU A 249 -12.92 28.76 -26.95
CA LEU A 249 -11.69 27.97 -27.02
C LEU A 249 -10.51 28.68 -26.36
N ALA A 250 -10.78 29.40 -25.27
CA ALA A 250 -9.70 30.08 -24.56
C ALA A 250 -8.65 29.06 -24.14
N THR A 251 -7.38 29.48 -24.16
CA THR A 251 -6.29 28.56 -23.84
C THR A 251 -6.45 27.98 -22.43
N HIS A 252 -7.13 28.69 -21.54
CA HIS A 252 -7.29 28.20 -20.17
C HIS A 252 -8.44 27.23 -20.02
N HIS A 253 -9.25 27.02 -21.06
CA HIS A 253 -10.28 26.00 -21.02
C HIS A 253 -9.72 24.59 -21.23
N TYR A 254 -8.45 24.47 -21.60
CA TYR A 254 -7.84 23.19 -21.93
C TYR A 254 -7.09 22.66 -20.72
N LEU A 255 -7.67 21.67 -20.05
CA LEU A 255 -6.99 21.01 -18.95
C LEU A 255 -5.92 20.05 -19.44
N TYR A 256 -6.19 19.35 -20.54
CA TYR A 256 -5.22 18.46 -21.14
C TYR A 256 -5.26 18.63 -22.65
N GLN A 257 -4.09 18.65 -23.28
CA GLN A 257 -3.98 18.68 -24.74
C GLN A 257 -3.21 17.44 -25.18
N ARG A 258 -3.80 16.70 -26.12
CA ARG A 258 -3.27 15.39 -26.45
C ARG A 258 -1.81 15.49 -26.91
N SER A 259 -1.02 14.51 -26.50
CA SER A 259 0.40 14.45 -26.88
C SER A 259 1.13 15.73 -26.53
N GLN A 260 0.72 16.39 -25.45
CA GLN A 260 1.41 17.57 -24.94
C GLN A 260 1.70 17.31 -23.47
N PRO A 261 2.96 17.46 -23.01
CA PRO A 261 3.29 17.10 -21.62
C PRO A 261 2.41 17.77 -20.58
N VAL A 262 2.05 16.99 -19.56
CA VAL A 262 1.33 17.47 -18.38
C VAL A 262 1.93 16.73 -17.19
N ASP A 263 1.65 17.26 -15.99
CA ASP A 263 2.26 16.69 -14.80
C ASP A 263 1.28 16.67 -13.62
N TYR A 264 -0.02 16.58 -13.89
CA TYR A 264 -0.99 16.67 -12.80
C TYR A 264 -2.19 15.77 -13.07
N PHE A 265 -2.89 15.47 -11.99
CA PHE A 265 -4.10 14.67 -11.97
C PHE A 265 -5.30 15.58 -11.78
N ILE A 266 -6.40 15.26 -12.45
CA ILE A 266 -7.63 16.06 -12.34
C ILE A 266 -8.80 15.12 -12.16
N LEU A 267 -9.63 15.39 -11.15
CA LEU A 267 -10.94 14.76 -10.99
C LEU A 267 -11.99 15.86 -11.03
N ILE A 268 -13.03 15.65 -11.81
CA ILE A 268 -14.07 16.66 -12.02
C ILE A 268 -15.13 16.51 -10.94
N LEU A 269 -15.28 17.55 -10.12
CA LEU A 269 -16.34 17.59 -9.13
C LEU A 269 -17.62 18.20 -9.68
N GLN A 270 -17.49 19.31 -10.41
CA GLN A 270 -18.64 20.04 -10.92
C GLN A 270 -18.30 20.57 -12.31
N GLY A 271 -19.22 20.38 -13.25
CA GLY A 271 -19.12 20.98 -14.57
C GLY A 271 -19.15 19.93 -15.66
N ARG A 272 -18.87 20.39 -16.87
CA ARG A 272 -18.90 19.54 -18.06
C ARG A 272 -17.67 19.82 -18.90
N VAL A 273 -17.16 18.78 -19.56
CA VAL A 273 -15.98 18.90 -20.41
C VAL A 273 -16.16 18.04 -21.66
N GLU A 274 -15.42 18.42 -22.70
CA GLU A 274 -15.40 17.70 -23.96
C GLU A 274 -14.05 17.00 -24.07
N VAL A 275 -14.09 15.69 -24.26
CA VAL A 275 -12.91 14.85 -24.37
C VAL A 275 -12.75 14.44 -25.83
N GLU A 276 -11.58 14.73 -26.40
CA GLU A 276 -11.23 14.36 -27.76
C GLU A 276 -10.12 13.32 -27.67
N ILE A 277 -10.44 12.07 -27.97
CA ILE A 277 -9.55 10.94 -27.69
C ILE A 277 -8.87 10.49 -28.96
N GLY A 278 -7.61 10.06 -28.81
CA GLY A 278 -6.88 9.35 -29.83
C GLY A 278 -6.51 10.19 -31.03
N LYS A 279 -5.64 9.65 -31.90
CA LYS A 279 -5.37 10.31 -33.17
C LYS A 279 -6.66 10.49 -33.95
N GLU A 280 -7.65 9.63 -33.69
CA GLU A 280 -8.91 9.67 -34.43
C GLU A 280 -9.76 10.86 -34.01
N GLY A 281 -9.70 11.24 -32.73
CA GLY A 281 -10.48 12.35 -32.25
C GLY A 281 -11.89 12.01 -31.82
N LEU A 282 -12.11 10.83 -31.26
CA LEU A 282 -13.45 10.49 -30.78
C LEU A 282 -13.87 11.49 -29.71
N LYS A 283 -14.95 12.21 -29.97
CA LYS A 283 -15.40 13.29 -29.10
C LYS A 283 -16.56 12.83 -28.23
N PHE A 284 -16.37 12.89 -26.91
CA PHE A 284 -17.41 12.59 -25.94
C PHE A 284 -17.52 13.73 -24.94
N GLU A 285 -18.61 13.74 -24.19
CA GLU A 285 -18.83 14.75 -23.15
C GLU A 285 -18.89 14.07 -21.79
N ASN A 286 -18.00 14.48 -20.90
CA ASN A 286 -17.91 13.89 -19.56
C ASN A 286 -18.22 14.95 -18.50
N GLY A 287 -18.62 14.47 -17.33
CA GLY A 287 -19.05 15.33 -16.24
C GLY A 287 -18.36 14.96 -14.94
N ALA A 288 -19.12 15.02 -13.85
CA ALA A 288 -18.57 14.87 -12.51
C ALA A 288 -18.01 13.46 -12.30
N PHE A 289 -16.96 13.40 -11.48
CA PHE A 289 -16.32 12.13 -11.10
C PHE A 289 -15.87 11.35 -12.33
N THR A 290 -15.10 12.02 -13.19
CA THR A 290 -14.34 11.40 -14.27
C THR A 290 -12.94 11.95 -14.18
N TYR A 291 -12.00 11.13 -13.72
CA TYR A 291 -10.65 11.60 -13.47
C TYR A 291 -9.77 11.45 -14.70
N TYR A 292 -8.73 12.28 -14.76
CA TYR A 292 -7.86 12.37 -15.92
C TYR A 292 -6.41 12.45 -15.48
N GLY A 293 -5.51 12.01 -16.36
CA GLY A 293 -4.09 12.14 -16.13
C GLY A 293 -3.61 11.38 -14.92
N VAL A 294 -4.07 10.14 -14.76
CA VAL A 294 -3.62 9.33 -13.63
C VAL A 294 -2.16 8.91 -13.83
N SER A 295 -1.79 8.64 -15.07
CA SER A 295 -0.44 8.18 -15.36
C SER A 295 0.64 9.22 -15.02
N ALA A 296 0.25 10.47 -14.77
CA ALA A 296 1.24 11.47 -14.38
C ALA A 296 1.74 11.24 -12.96
N LEU A 297 0.99 10.51 -12.15
CA LEU A 297 1.35 10.22 -10.76
C LEU A 297 1.94 8.84 -10.58
N THR A 298 1.55 7.86 -11.40
CA THR A 298 2.06 6.51 -11.28
C THR A 298 3.55 6.47 -11.61
N VAL A 299 4.22 5.45 -11.08
CA VAL A 299 5.61 5.13 -11.42
C VAL A 299 5.62 3.80 -12.15
N PRO A 300 6.26 3.70 -13.33
CA PRO A 300 6.14 2.48 -14.11
C PRO A 300 6.83 1.29 -13.43
N SER A 301 6.63 0.12 -14.04
CA SER A 301 7.24 -1.11 -13.55
C SER A 301 8.72 -1.18 -13.95
N ALA A 330 7.46 13.42 -18.22
CA ALA A 330 7.59 12.57 -19.40
C ALA A 330 6.28 11.83 -19.68
N TYR A 331 5.17 12.45 -19.31
CA TYR A 331 3.83 11.90 -19.54
C TYR A 331 3.07 12.79 -20.49
N CYS A 332 2.49 12.20 -21.54
CA CYS A 332 1.67 12.91 -22.49
C CYS A 332 0.34 12.17 -22.63
N PRO A 333 -0.80 12.84 -22.51
CA PRO A 333 -2.08 12.13 -22.54
C PRO A 333 -2.39 11.58 -23.92
N ASP A 334 -3.40 10.71 -23.96
CA ASP A 334 -3.96 10.19 -25.20
C ASP A 334 -5.22 10.94 -25.60
N TYR A 335 -5.47 12.11 -25.02
CA TYR A 335 -6.71 12.83 -25.27
C TYR A 335 -6.49 14.32 -25.00
N THR A 336 -7.51 15.10 -25.33
CA THR A 336 -7.57 16.53 -25.05
C THR A 336 -8.88 16.82 -24.35
N VAL A 337 -8.79 17.47 -23.18
CA VAL A 337 -9.97 17.85 -22.41
C VAL A 337 -10.15 19.35 -22.53
N ARG A 338 -11.37 19.78 -22.82
CA ARG A 338 -11.69 21.19 -22.93
C ARG A 338 -12.89 21.50 -22.05
N ALA A 339 -12.90 22.70 -21.48
CA ALA A 339 -13.97 23.09 -20.58
C ALA A 339 -15.20 23.52 -21.37
N LEU A 340 -16.37 23.06 -20.94
CA LEU A 340 -17.64 23.46 -21.51
C LEU A 340 -18.48 24.29 -20.56
N SER A 341 -18.07 24.43 -19.30
CA SER A 341 -18.84 25.13 -18.29
C SER A 341 -17.87 25.58 -17.20
N ASP A 342 -18.39 26.28 -16.20
CA ASP A 342 -17.61 26.59 -15.03
C ASP A 342 -17.28 25.31 -14.28
N LEU A 343 -15.99 25.09 -14.03
CA LEU A 343 -15.50 23.82 -13.51
C LEU A 343 -15.05 23.97 -12.07
N GLN A 344 -15.43 23.02 -11.22
CA GLN A 344 -14.82 22.83 -9.92
C GLN A 344 -14.17 21.45 -9.94
N LEU A 345 -12.85 21.42 -9.71
CA LEU A 345 -12.09 20.19 -9.86
C LEU A 345 -11.02 20.12 -8.77
N ILE A 346 -10.29 19.01 -8.79
CA ILE A 346 -9.18 18.78 -7.86
C ILE A 346 -7.93 18.55 -8.71
N LYS A 347 -6.94 19.41 -8.52
CA LYS A 347 -5.67 19.33 -9.25
C LYS A 347 -4.57 18.86 -8.31
N VAL A 348 -3.74 17.93 -8.80
CA VAL A 348 -2.69 17.32 -7.98
C VAL A 348 -1.42 17.27 -8.83
N THR A 349 -0.45 18.14 -8.52
CA THR A 349 0.82 18.17 -9.23
C THR A 349 1.72 17.04 -8.74
N ARG A 350 2.74 16.73 -9.55
CA ARG A 350 3.70 15.71 -9.15
C ARG A 350 4.39 16.09 -7.84
N LEU A 351 4.77 17.36 -7.69
CA LEU A 351 5.41 17.77 -6.43
C LEU A 351 4.44 17.67 -5.27
N GLN A 352 3.18 18.04 -5.49
CA GLN A 352 2.16 17.89 -4.45
C GLN A 352 2.03 16.43 -4.04
N TYR A 353 2.08 15.51 -5.02
CA TYR A 353 2.00 14.09 -4.72
C TYR A 353 3.22 13.62 -3.94
N LEU A 354 4.41 14.07 -4.31
CA LEU A 354 5.62 13.66 -3.59
C LEU A 354 5.59 14.17 -2.15
N ASN A 355 5.16 15.41 -1.96
CA ASN A 355 5.06 15.95 -0.61
C ASN A 355 3.98 15.24 0.19
N ALA A 356 2.90 14.80 -0.47
CA ALA A 356 1.91 13.99 0.22
C ALA A 356 2.52 12.67 0.67
N LEU A 357 3.37 12.08 -0.17
CA LEU A 357 4.03 10.83 0.19
C LEU A 357 4.92 11.01 1.40
N LEU A 358 5.72 12.08 1.42
CA LEU A 358 6.51 12.35 2.62
C LEU A 358 5.61 12.56 3.84
N ALA A 359 4.60 13.41 3.69
CA ALA A 359 3.72 13.72 4.81
C ALA A 359 3.11 12.46 5.41
N THR A 360 2.65 11.54 4.56
CA THR A 360 2.10 10.30 5.09
C THR A 360 3.19 9.47 5.74
N ARG A 361 4.40 9.49 5.19
CA ARG A 361 5.49 8.74 5.80
C ARG A 361 6.02 9.37 7.08
N ALA A 362 5.66 10.63 7.37
CA ALA A 362 6.06 11.22 8.66
C ALA A 362 5.30 10.57 9.80
N GLN A 363 4.00 10.35 9.64
CA GLN A 363 3.22 9.62 10.63
C GLN A 363 3.67 8.16 10.64
N ASN A 364 4.26 7.72 11.75
CA ASN A 364 4.89 6.41 11.79
C ASN A 364 3.98 5.30 11.24
N LEU A 365 2.67 5.47 11.33
CA LEU A 365 1.73 4.47 10.83
C LEU A 365 0.32 5.04 10.75
N TYR B 8 13.24 -2.34 32.54
CA TYR B 8 14.63 -2.74 32.41
C TYR B 8 14.79 -3.78 31.31
N SER B 9 15.17 -3.34 30.11
CA SER B 9 15.41 -4.26 29.00
C SER B 9 16.70 -5.03 29.14
N ASP B 10 17.46 -4.81 30.23
CA ASP B 10 18.65 -5.62 30.48
C ASP B 10 18.30 -7.09 30.66
N LEU B 11 17.02 -7.41 30.90
CA LEU B 11 16.58 -8.80 30.96
C LEU B 11 16.47 -9.40 29.56
N SER B 12 15.84 -8.66 28.64
CA SER B 12 15.77 -9.10 27.25
C SER B 12 17.16 -9.14 26.60
N LYS B 13 18.17 -8.55 27.23
CA LYS B 13 19.54 -8.61 26.73
C LYS B 13 20.27 -9.88 27.17
N GLY B 14 19.72 -10.63 28.12
CA GLY B 14 20.41 -11.80 28.63
C GLY B 14 20.19 -13.07 27.83
N VAL B 15 19.16 -13.09 26.98
CA VAL B 15 18.80 -14.28 26.21
C VAL B 15 19.17 -14.14 24.74
N LEU B 16 19.97 -13.14 24.38
CA LEU B 16 20.42 -12.96 23.01
C LEU B 16 21.93 -12.87 22.88
N ARG B 17 22.67 -12.95 23.99
CA ARG B 17 24.13 -12.85 23.95
C ARG B 17 24.80 -14.03 23.25
N CYS B 18 24.04 -15.01 22.76
CA CYS B 18 24.59 -16.16 22.06
C CYS B 18 24.38 -16.08 20.56
N ARG B 19 23.77 -15.01 20.05
CA ARG B 19 23.51 -14.84 18.63
C ARG B 19 24.44 -13.76 18.05
N THR B 20 24.97 -14.03 16.87
CA THR B 20 25.81 -13.08 16.16
C THR B 20 25.05 -12.49 14.98
N VAL B 21 25.73 -11.62 14.23
CA VAL B 21 25.09 -10.97 13.09
C VAL B 21 24.75 -11.99 12.01
N GLU B 22 25.55 -13.06 11.89
CA GLU B 22 25.34 -14.03 10.82
C GLU B 22 23.90 -14.50 10.76
N ASP B 23 23.26 -14.69 11.92
CA ASP B 23 21.89 -15.18 11.94
C ASP B 23 20.94 -14.24 11.20
N VAL B 24 21.07 -12.94 11.43
CA VAL B 24 20.11 -11.96 10.93
C VAL B 24 20.62 -11.20 9.72
N LEU B 25 21.81 -11.52 9.23
CA LEU B 25 22.41 -10.76 8.14
C LEU B 25 21.55 -10.86 6.88
N THR B 26 21.23 -9.71 6.29
CA THR B 26 20.66 -9.68 4.95
C THR B 26 21.77 -9.45 3.95
N PRO B 27 22.05 -10.40 3.04
CA PRO B 27 23.25 -10.29 2.21
C PRO B 27 23.23 -9.07 1.30
N LEU B 28 24.44 -8.59 0.99
CA LEU B 28 24.59 -7.38 0.18
C LEU B 28 23.79 -7.45 -1.11
N GLU B 29 23.77 -8.62 -1.75
CA GLU B 29 23.04 -8.76 -3.01
C GLU B 29 21.57 -8.41 -2.85
N ASP B 30 21.00 -8.65 -1.67
CA ASP B 30 19.57 -8.46 -1.41
C ASP B 30 19.29 -7.15 -0.69
N CYS B 31 20.22 -6.22 -0.67
CA CYS B 31 20.07 -4.96 0.06
C CYS B 31 19.57 -3.87 -0.87
N PHE B 32 18.72 -3.00 -0.32
CA PHE B 32 18.21 -1.84 -1.06
C PHE B 32 19.24 -0.72 -0.98
N MET B 33 19.72 -0.26 -2.13
CA MET B 33 20.77 0.74 -2.17
C MET B 33 20.52 1.69 -3.34
N LEU B 34 21.35 2.73 -3.42
CA LEU B 34 21.25 3.73 -4.49
C LEU B 34 22.64 4.08 -4.97
N ASP B 35 22.83 4.08 -6.28
CA ASP B 35 24.07 4.59 -6.86
C ASP B 35 24.09 6.11 -6.75
N ALA B 36 25.15 6.63 -6.13
CA ALA B 36 25.22 8.07 -5.86
C ALA B 36 24.94 8.90 -7.11
N SER B 37 25.22 8.36 -8.29
CA SER B 37 25.00 9.07 -9.54
C SER B 37 23.55 9.05 -10.00
N THR B 38 22.63 8.54 -9.19
CA THR B 38 21.23 8.50 -9.58
C THR B 38 20.69 9.92 -9.72
N VAL B 39 19.78 10.09 -10.68
CA VAL B 39 19.12 11.36 -10.93
C VAL B 39 17.74 11.32 -10.30
N LEU B 40 17.40 12.37 -9.54
CA LEU B 40 16.17 12.39 -8.76
C LEU B 40 15.04 13.02 -9.57
N ASP B 41 14.45 12.22 -10.45
CA ASP B 41 13.23 12.61 -11.14
C ASP B 41 12.03 12.09 -10.36
N PHE B 42 10.83 12.30 -10.91
CA PHE B 42 9.63 11.87 -10.20
C PHE B 42 9.65 10.37 -9.92
N GLY B 43 10.08 9.57 -10.88
CA GLY B 43 10.08 8.13 -10.68
C GLY B 43 10.95 7.69 -9.51
N VAL B 44 12.19 8.15 -9.50
CA VAL B 44 13.12 7.76 -8.44
C VAL B 44 12.61 8.24 -7.09
N LEU B 45 12.16 9.49 -7.02
CA LEU B 45 11.70 10.03 -5.75
C LEU B 45 10.48 9.27 -5.23
N ALA B 46 9.52 9.00 -6.12
CA ALA B 46 8.33 8.27 -5.70
C ALA B 46 8.69 6.87 -5.22
N SER B 47 9.52 6.15 -5.99
CA SER B 47 9.86 4.78 -5.61
C SER B 47 10.67 4.75 -4.33
N ILE B 48 11.51 5.76 -4.08
CA ILE B 48 12.27 5.81 -2.84
C ILE B 48 11.33 6.08 -1.66
N MET B 49 10.46 7.07 -1.79
CA MET B 49 9.58 7.41 -0.68
C MET B 49 8.54 6.34 -0.43
N GLN B 50 8.27 5.47 -1.40
CA GLN B 50 7.35 4.35 -1.19
C GLN B 50 8.06 3.06 -0.80
N SER B 51 9.38 2.97 -0.98
CA SER B 51 10.10 1.74 -0.65
C SER B 51 9.88 1.34 0.80
N GLY B 52 9.58 2.31 1.67
CA GLY B 52 9.39 2.04 3.07
C GLY B 52 10.63 2.25 3.93
N HIS B 53 11.78 2.50 3.32
CA HIS B 53 13.02 2.73 4.05
C HIS B 53 13.16 4.21 4.41
N THR B 54 13.57 4.47 5.64
CA THR B 54 13.93 5.81 6.08
C THR B 54 15.42 6.06 6.01
N ARG B 55 16.21 5.04 5.73
CA ARG B 55 17.67 5.13 5.75
C ARG B 55 18.18 4.23 4.65
N ILE B 56 18.80 4.82 3.62
CA ILE B 56 19.16 4.11 2.41
C ILE B 56 20.65 4.31 2.14
N PRO B 57 21.45 3.24 2.05
CA PRO B 57 22.87 3.41 1.74
C PRO B 57 23.07 3.94 0.32
N VAL B 58 24.21 4.61 0.13
CA VAL B 58 24.57 5.17 -1.17
C VAL B 58 26.00 4.74 -1.48
N TYR B 59 26.18 4.05 -2.60
CA TYR B 59 27.48 3.64 -3.08
C TYR B 59 27.85 4.47 -4.30
N GLU B 60 29.09 4.31 -4.76
CA GLU B 60 29.64 5.19 -5.79
C GLU B 60 29.95 4.45 -7.08
N GLU B 61 30.71 3.37 -7.02
CA GLU B 61 31.08 2.62 -8.23
C GLU B 61 30.59 1.19 -8.13
N GLU B 62 31.35 0.34 -7.43
CA GLU B 62 30.86 -0.99 -7.12
C GLU B 62 29.75 -0.91 -6.08
N ARG B 63 28.89 -1.92 -6.07
CA ARG B 63 27.77 -1.93 -5.15
C ARG B 63 28.23 -1.92 -3.70
N SER B 64 29.46 -2.35 -3.42
CA SER B 64 29.95 -2.50 -2.05
C SER B 64 30.76 -1.31 -1.56
N ASN B 65 30.90 -0.26 -2.37
CA ASN B 65 31.62 0.94 -1.93
C ASN B 65 30.65 1.98 -1.38
N ILE B 66 29.98 1.61 -0.29
CA ILE B 66 29.09 2.56 0.38
C ILE B 66 29.94 3.72 0.87
N VAL B 67 29.40 4.94 0.72
CA VAL B 67 30.15 6.12 1.09
C VAL B 67 29.31 7.03 1.97
N ASP B 68 28.00 7.12 1.70
CA ASP B 68 27.13 8.01 2.44
C ASP B 68 25.78 7.33 2.67
N MET B 69 24.93 8.02 3.42
CA MET B 69 23.61 7.51 3.81
C MET B 69 22.57 8.56 3.51
N LEU B 70 21.42 8.12 3.00
CA LEU B 70 20.33 9.01 2.64
C LEU B 70 19.19 8.82 3.63
N TYR B 71 18.87 9.88 4.37
CA TYR B 71 17.61 9.92 5.11
C TYR B 71 16.51 10.37 4.17
N LEU B 72 15.31 9.83 4.35
CA LEU B 72 14.22 10.19 3.45
C LEU B 72 13.92 11.69 3.53
N LYS B 73 14.05 12.27 4.71
CA LYS B 73 13.80 13.70 4.85
C LYS B 73 14.77 14.53 4.03
N ASP B 74 15.93 13.97 3.67
CA ASP B 74 16.85 14.68 2.79
C ASP B 74 16.18 15.05 1.48
N LEU B 75 15.18 14.27 1.06
CA LEU B 75 14.51 14.50 -0.22
C LEU B 75 13.42 15.56 -0.15
N ALA B 76 13.00 15.97 1.05
CA ALA B 76 12.00 17.03 1.15
C ALA B 76 12.45 18.26 0.38
N PHE B 77 11.49 18.95 -0.24
CA PHE B 77 11.74 20.16 -0.99
C PHE B 77 12.59 19.92 -2.23
N VAL B 78 12.69 18.68 -2.70
CA VAL B 78 13.45 18.36 -3.90
C VAL B 78 12.47 18.24 -5.06
N ASP B 79 12.70 19.06 -6.10
CA ASP B 79 11.83 19.07 -7.28
C ASP B 79 12.41 18.17 -8.36
N PRO B 80 11.60 17.29 -8.97
CA PRO B 80 12.12 16.52 -10.11
C PRO B 80 12.61 17.39 -11.25
N GLU B 81 11.93 18.52 -11.51
CA GLU B 81 12.31 19.37 -12.63
C GLU B 81 13.81 19.67 -12.62
N ASP B 82 14.37 19.93 -11.44
CA ASP B 82 15.79 20.24 -11.33
C ASP B 82 16.67 19.05 -11.70
N CYS B 83 16.12 17.84 -11.71
CA CYS B 83 16.87 16.62 -11.98
C CYS B 83 18.20 16.64 -11.22
N THR B 84 18.10 16.94 -9.93
CA THR B 84 19.28 16.97 -9.08
C THR B 84 19.76 15.55 -8.82
N PRO B 85 21.05 15.27 -8.97
CA PRO B 85 21.54 13.92 -8.68
C PRO B 85 21.57 13.66 -7.18
N LEU B 86 21.51 12.36 -6.83
CA LEU B 86 21.55 11.98 -5.43
C LEU B 86 22.88 12.35 -4.79
N SER B 87 23.95 12.39 -5.59
CA SER B 87 25.25 12.78 -5.07
C SER B 87 25.20 14.17 -4.42
N THR B 88 24.60 15.13 -5.12
CA THR B 88 24.55 16.49 -4.60
C THR B 88 23.65 16.60 -3.37
N ILE B 89 22.81 15.61 -3.12
CA ILE B 89 22.01 15.61 -1.89
C ILE B 89 22.77 14.97 -0.74
N THR B 90 23.53 13.91 -1.02
CA THR B 90 24.30 13.26 0.03
C THR B 90 25.57 14.04 0.37
N ARG B 91 26.20 14.66 -0.63
CA ARG B 91 27.35 15.52 -0.37
C ARG B 91 26.95 16.83 0.28
N PHE B 92 25.65 17.06 0.49
CA PHE B 92 25.16 18.22 1.22
C PHE B 92 25.03 17.91 2.71
N TYR B 93 24.33 16.83 3.03
CA TYR B 93 24.19 16.40 4.41
C TYR B 93 25.43 15.62 4.86
N ASN B 94 25.54 15.41 6.17
CA ASN B 94 26.68 14.74 6.79
C ASN B 94 26.15 13.67 7.75
N HIS B 95 25.49 12.63 7.19
CA HIS B 95 24.94 11.58 8.02
C HIS B 95 25.96 10.48 8.25
N PRO B 96 25.93 9.82 9.41
CA PRO B 96 26.96 8.84 9.73
C PRO B 96 26.65 7.45 9.20
N LEU B 97 27.73 6.70 8.96
CA LEU B 97 27.66 5.29 8.57
C LEU B 97 27.99 4.45 9.80
N HIS B 98 27.00 3.72 10.30
CA HIS B 98 27.19 2.86 11.46
C HIS B 98 27.63 1.48 11.00
N PHE B 99 28.74 1.01 11.55
CA PHE B 99 29.35 -0.24 11.11
C PHE B 99 29.23 -1.31 12.20
N VAL B 100 29.21 -2.55 11.76
CA VAL B 100 29.05 -3.72 12.62
C VAL B 100 29.83 -4.86 11.99
N PHE B 101 30.20 -5.84 12.81
CA PHE B 101 31.07 -6.91 12.37
C PHE B 101 30.29 -8.22 12.20
N ASN B 102 30.74 -8.99 11.21
CA ASN B 102 30.18 -10.30 10.90
C ASN B 102 29.89 -11.12 12.17
N ASP B 103 30.80 -11.09 13.13
CA ASP B 103 30.74 -12.00 14.27
C ASP B 103 30.27 -11.33 15.56
N THR B 104 30.09 -10.01 15.58
CA THR B 104 29.77 -9.33 16.83
C THR B 104 28.38 -9.72 17.31
N LYS B 105 28.23 -9.84 18.63
CA LYS B 105 26.98 -10.30 19.22
C LYS B 105 25.86 -9.28 18.96
N LEU B 106 24.65 -9.62 19.40
CA LEU B 106 23.48 -8.78 19.15
C LEU B 106 23.25 -7.73 20.22
N ASP B 107 23.60 -8.01 21.48
CA ASP B 107 23.55 -6.96 22.49
C ASP B 107 24.45 -5.80 22.09
N ALA B 108 25.62 -6.11 21.53
CA ALA B 108 26.52 -5.08 21.02
C ALA B 108 25.86 -4.32 19.86
N VAL B 109 25.19 -5.04 18.97
CA VAL B 109 24.50 -4.38 17.85
C VAL B 109 23.43 -3.43 18.36
N LEU B 110 22.74 -3.82 19.44
CA LEU B 110 21.67 -2.98 19.95
C LEU B 110 22.23 -1.75 20.65
N GLU B 111 23.26 -1.91 21.47
CA GLU B 111 23.89 -0.73 22.07
C GLU B 111 24.66 0.08 21.05
N GLU B 112 24.86 -0.45 19.84
CA GLU B 112 25.39 0.34 18.74
C GLU B 112 24.29 1.14 18.06
N PHE B 113 23.14 0.51 17.83
CA PHE B 113 21.98 1.27 17.33
C PHE B 113 21.63 2.41 18.28
N LYS B 114 21.63 2.13 19.58
CA LYS B 114 21.39 3.16 20.58
C LYS B 114 22.39 4.30 20.43
N ARG B 115 23.65 4.01 20.74
CA ARG B 115 24.71 5.00 20.55
C ARG B 115 24.80 5.37 19.07
N GLY B 116 24.53 6.64 18.76
CA GLY B 116 24.39 7.03 17.38
C GLY B 116 23.13 6.42 16.80
N LYS B 117 22.02 7.14 16.96
CA LYS B 117 20.70 6.61 16.68
C LYS B 117 20.61 6.07 15.26
N SER B 118 20.27 4.78 15.14
CA SER B 118 20.18 4.13 13.83
C SER B 118 19.41 2.83 13.98
N HIS B 119 18.92 2.34 12.83
CA HIS B 119 18.26 1.04 12.73
C HIS B 119 18.90 0.18 11.66
N LEU B 120 20.11 0.49 11.24
CA LEU B 120 20.73 -0.18 10.11
C LEU B 120 22.23 0.00 10.19
N ALA B 121 22.98 -1.10 10.13
CA ALA B 121 24.43 -1.04 10.24
C ALA B 121 25.07 -1.88 9.13
N ILE B 122 26.16 -1.36 8.57
CA ILE B 122 26.89 -2.05 7.52
C ILE B 122 27.73 -3.15 8.16
N VAL B 123 27.37 -4.41 7.90
CA VAL B 123 28.07 -5.54 8.48
C VAL B 123 29.35 -5.79 7.69
N GLN B 124 30.49 -5.78 8.38
CA GLN B 124 31.77 -6.03 7.77
C GLN B 124 32.39 -7.30 8.31
N LYS B 125 33.35 -7.83 7.55
CA LYS B 125 34.20 -8.92 7.98
C LYS B 125 35.61 -8.64 7.52
N VAL B 126 36.58 -9.08 8.32
CA VAL B 126 37.98 -8.86 7.98
C VAL B 126 38.43 -9.96 7.03
N ASN B 127 39.39 -9.64 6.18
CA ASN B 127 39.91 -10.58 5.18
C ASN B 127 41.42 -10.62 5.32
N ASN B 128 41.91 -11.58 6.11
CA ASN B 128 43.33 -11.78 6.29
C ASN B 128 43.95 -12.68 5.23
N GLU B 129 43.13 -13.41 4.47
CA GLU B 129 43.63 -14.22 3.37
C GLU B 129 44.27 -13.32 2.33
N GLY B 130 45.60 -13.32 2.26
CA GLY B 130 46.31 -12.47 1.33
C GLY B 130 47.54 -11.86 1.97
N GLU B 131 48.64 -11.83 1.21
CA GLU B 131 49.87 -11.25 1.72
C GLU B 131 49.70 -9.75 1.92
N GLY B 132 50.39 -9.22 2.92
CA GLY B 132 50.31 -7.81 3.23
C GLY B 132 49.15 -7.48 4.15
N ASP B 133 48.93 -6.18 4.30
CA ASP B 133 47.91 -5.71 5.22
C ASP B 133 46.54 -6.26 4.82
N PRO B 134 45.62 -6.44 5.77
CA PRO B 134 44.28 -6.95 5.41
C PRO B 134 43.34 -5.82 5.02
N PHE B 135 42.09 -6.16 4.75
CA PHE B 135 41.09 -5.17 4.37
C PHE B 135 39.75 -5.59 4.93
N TYR B 136 38.86 -4.62 5.08
CA TYR B 136 37.49 -4.87 5.49
C TYR B 136 36.62 -5.04 4.25
N GLU B 137 35.95 -6.17 4.14
CA GLU B 137 35.09 -6.47 3.01
C GLU B 137 33.64 -6.39 3.48
N VAL B 138 32.92 -5.37 3.00
CA VAL B 138 31.50 -5.26 3.30
C VAL B 138 30.80 -6.50 2.76
N LEU B 139 29.88 -7.06 3.56
CA LEU B 139 29.16 -8.24 3.13
C LEU B 139 27.66 -8.18 3.45
N GLY B 140 27.11 -6.99 3.65
CA GLY B 140 25.68 -6.83 3.78
C GLY B 140 25.33 -5.83 4.85
N LEU B 141 24.03 -5.79 5.18
CA LEU B 141 23.51 -4.91 6.21
C LEU B 141 22.81 -5.73 7.29
N VAL B 142 22.71 -5.13 8.48
CA VAL B 142 21.93 -5.68 9.58
C VAL B 142 20.93 -4.63 9.98
N THR B 143 19.65 -4.99 9.96
CA THR B 143 18.56 -4.08 10.25
C THR B 143 17.85 -4.49 11.52
N LEU B 144 17.42 -3.51 12.31
CA LEU B 144 16.80 -3.79 13.60
C LEU B 144 15.58 -4.68 13.45
N GLU B 145 14.86 -4.57 12.33
CA GLU B 145 13.69 -5.39 12.13
C GLU B 145 14.05 -6.87 12.27
N ASP B 146 15.12 -7.29 11.61
CA ASP B 146 15.55 -8.68 11.66
C ASP B 146 16.01 -9.08 13.06
N VAL B 147 16.62 -8.16 13.80
CA VAL B 147 17.07 -8.49 15.15
C VAL B 147 15.89 -8.70 16.07
N ILE B 148 14.89 -7.82 16.00
CA ILE B 148 13.68 -8.00 16.79
C ILE B 148 13.00 -9.31 16.41
N GLU B 149 12.95 -9.61 15.11
CA GLU B 149 12.32 -10.85 14.66
C GLU B 149 13.04 -12.06 15.25
N GLU B 150 14.37 -12.07 15.20
CA GLU B 150 15.13 -13.17 15.77
C GLU B 150 14.88 -13.31 17.25
N ILE B 151 14.85 -12.18 17.98
CA ILE B 151 14.65 -12.25 19.43
C ILE B 151 13.28 -12.85 19.73
N ILE B 152 12.25 -12.42 19.01
CA ILE B 152 10.90 -12.92 19.31
C ILE B 152 10.76 -14.38 18.89
N ARG B 153 11.47 -14.80 17.83
CA ARG B 153 11.35 -16.18 17.39
C ARG B 153 12.14 -17.15 18.26
N SER B 154 13.24 -16.68 18.86
CA SER B 154 14.12 -17.57 19.63
C SER B 154 14.01 -17.38 21.14
N GLU B 155 13.21 -16.43 21.61
CA GLU B 155 12.92 -16.36 23.04
C GLU B 155 11.98 -17.48 23.44
N ILE B 156 10.81 -17.55 22.79
CA ILE B 156 9.89 -18.69 22.92
C ILE B 156 9.35 -18.97 21.54
N LEU B 157 9.61 -20.17 21.03
CA LEU B 157 9.24 -20.52 19.66
C LEU B 157 7.92 -21.27 19.63
N ASP B 158 7.10 -20.96 18.64
CA ASP B 158 5.88 -21.70 18.36
C ASP B 158 6.03 -22.42 17.02
N GLU B 159 5.54 -23.66 16.97
CA GLU B 159 5.72 -24.51 15.80
C GLU B 159 4.73 -24.15 14.69
N SER B 160 4.27 -22.90 14.65
CA SER B 160 3.31 -22.47 13.64
C SER B 160 4.04 -21.75 12.51
N GLU B 161 4.79 -22.56 11.75
CA GLU B 161 5.37 -22.14 10.48
C GLU B 161 4.47 -22.46 9.31
N ASP B 162 3.18 -22.62 9.56
CA ASP B 162 2.22 -23.02 8.56
C ASP B 162 1.54 -21.84 7.88
N TYR B 163 2.18 -20.66 7.90
CA TYR B 163 1.63 -19.46 7.26
C TYR B 163 1.08 -19.78 5.88
N ARG B 164 1.85 -20.56 5.11
CA ARG B 164 1.61 -20.73 3.70
C ARG B 164 0.55 -21.78 3.38
N ASP B 165 -0.14 -22.28 4.41
CA ASP B 165 -1.26 -23.19 4.20
C ASP B 165 -2.21 -22.64 3.15
N THR B 166 -2.28 -23.30 2.00
CA THR B 166 -3.18 -22.88 0.93
C THR B 166 -4.51 -23.61 1.09
N VAL B 167 -5.60 -22.90 0.83
CA VAL B 167 -6.93 -23.47 0.86
C VAL B 167 -7.53 -23.33 -0.54
N VAL B 168 -8.18 -24.39 -1.00
CA VAL B 168 -8.74 -24.43 -2.34
C VAL B 168 -10.24 -24.75 -2.27
N ILE B 199 -17.31 -5.22 -31.36
CA ILE B 199 -17.41 -3.84 -31.80
C ILE B 199 -16.34 -3.53 -32.84
N SER B 200 -16.51 -2.40 -33.54
CA SER B 200 -15.62 -1.99 -34.63
C SER B 200 -14.17 -2.29 -34.28
N PRO B 201 -13.43 -3.02 -35.12
CA PRO B 201 -12.03 -3.30 -34.79
C PRO B 201 -11.18 -2.06 -34.70
N GLN B 202 -11.52 -1.02 -35.46
CA GLN B 202 -10.75 0.22 -35.41
C GLN B 202 -10.89 0.89 -34.04
N LEU B 203 -12.12 0.98 -33.54
CA LEU B 203 -12.33 1.55 -32.22
C LEU B 203 -11.69 0.68 -31.15
N LEU B 204 -11.60 -0.63 -31.37
CA LEU B 204 -10.88 -1.48 -30.42
C LEU B 204 -9.39 -1.17 -30.43
N LEU B 205 -8.82 -0.91 -31.61
CA LEU B 205 -7.43 -0.48 -31.68
C LEU B 205 -7.23 0.84 -30.93
N ALA B 206 -8.16 1.77 -31.11
CA ALA B 206 -8.10 3.03 -30.38
C ALA B 206 -8.15 2.79 -28.88
N THR B 207 -9.00 1.86 -28.43
CA THR B 207 -9.07 1.52 -27.02
C THR B 207 -7.74 0.95 -26.54
N GLN B 208 -7.11 0.08 -27.35
CA GLN B 208 -5.83 -0.47 -26.96
C GLN B 208 -4.79 0.62 -26.76
N ARG B 209 -4.72 1.56 -27.70
CA ARG B 209 -3.76 2.65 -27.58
C ARG B 209 -4.05 3.51 -26.35
N PHE B 210 -5.33 3.83 -26.14
CA PHE B 210 -5.74 4.61 -24.98
C PHE B 210 -5.33 3.93 -23.68
N LEU B 211 -5.59 2.62 -23.57
CA LEU B 211 -5.25 1.90 -22.34
C LEU B 211 -3.75 1.85 -22.15
N SER B 212 -3.01 1.52 -23.20
CA SER B 212 -1.56 1.44 -23.06
C SER B 212 -0.97 2.76 -22.61
N ARG B 213 -1.50 3.88 -23.09
CA ARG B 213 -0.91 5.16 -22.75
C ARG B 213 -1.45 5.77 -21.46
N GLU B 214 -2.64 5.35 -21.01
CA GLU B 214 -3.33 6.04 -19.93
C GLU B 214 -3.55 5.20 -18.68
N VAL B 215 -3.88 3.93 -18.84
CA VAL B 215 -4.09 3.03 -17.70
C VAL B 215 -2.82 2.24 -17.46
N ASP B 216 -2.42 2.14 -16.19
CA ASP B 216 -1.13 1.55 -15.87
C ASP B 216 -1.13 0.04 -16.04
N VAL B 217 -2.17 -0.64 -15.52
CA VAL B 217 -2.17 -2.10 -15.57
C VAL B 217 -2.05 -2.61 -16.99
N PHE B 218 -2.38 -1.78 -17.98
CA PHE B 218 -2.20 -2.13 -19.38
C PHE B 218 -0.97 -1.46 -19.99
N SER B 219 -0.06 -0.97 -19.14
CA SER B 219 1.15 -0.35 -19.63
C SER B 219 1.93 -1.35 -20.49
N PRO B 220 2.64 -0.88 -21.52
CA PRO B 220 3.44 -1.82 -22.32
C PRO B 220 4.43 -2.62 -21.50
N LEU B 221 4.87 -2.12 -20.34
CA LEU B 221 5.81 -2.86 -19.51
C LEU B 221 5.18 -4.09 -18.88
N ARG B 222 3.86 -4.11 -18.71
CA ARG B 222 3.14 -5.24 -18.13
C ARG B 222 2.51 -6.13 -19.18
N ILE B 223 1.87 -5.53 -20.19
CA ILE B 223 1.24 -6.25 -21.28
C ILE B 223 1.70 -5.62 -22.58
N SER B 224 2.36 -6.41 -23.43
CA SER B 224 2.81 -5.87 -24.70
C SER B 224 1.62 -5.36 -25.48
N GLU B 225 1.85 -4.33 -26.29
CA GLU B 225 0.77 -3.76 -27.09
C GLU B 225 0.15 -4.79 -28.01
N LYS B 226 0.95 -5.72 -28.54
CA LYS B 226 0.41 -6.80 -29.35
C LYS B 226 -0.60 -7.63 -28.56
N VAL B 227 -0.22 -8.07 -27.37
CA VAL B 227 -1.09 -8.92 -26.57
C VAL B 227 -2.34 -8.16 -26.16
N LEU B 228 -2.19 -6.87 -25.84
CA LEU B 228 -3.36 -6.08 -25.45
C LEU B 228 -4.33 -5.94 -26.62
N LEU B 229 -3.81 -5.63 -27.82
CA LEU B 229 -4.67 -5.56 -29.00
C LEU B 229 -5.38 -6.89 -29.20
N HIS B 230 -4.66 -8.00 -29.07
CA HIS B 230 -5.28 -9.31 -29.22
C HIS B 230 -6.38 -9.53 -28.18
N LEU B 231 -6.14 -9.08 -26.94
CA LEU B 231 -7.13 -9.26 -25.89
C LEU B 231 -8.39 -8.46 -26.15
N LEU B 232 -8.25 -7.21 -26.58
CA LEU B 232 -9.43 -6.37 -26.79
C LEU B 232 -10.27 -6.84 -27.96
N LYS B 233 -9.68 -7.49 -28.96
CA LYS B 233 -10.44 -8.03 -30.08
C LYS B 233 -10.93 -9.44 -29.85
N HIS B 234 -10.69 -10.02 -28.67
CA HIS B 234 -11.16 -11.37 -28.40
C HIS B 234 -12.66 -11.37 -28.15
N PRO B 235 -13.39 -12.39 -28.64
CA PRO B 235 -14.84 -12.39 -28.44
C PRO B 235 -15.27 -12.42 -26.98
N SER B 236 -14.54 -13.17 -26.14
CA SER B 236 -14.89 -13.24 -24.72
C SER B 236 -14.62 -11.93 -23.99
N VAL B 237 -13.97 -10.97 -24.64
CA VAL B 237 -13.72 -9.65 -24.07
C VAL B 237 -14.74 -8.63 -24.57
N ASN B 238 -14.92 -8.54 -25.90
CA ASN B 238 -15.93 -7.67 -26.49
C ASN B 238 -17.31 -8.17 -26.15
N GLN B 239 -18.04 -7.43 -25.32
CA GLN B 239 -19.38 -7.83 -24.90
C GLN B 239 -20.38 -6.73 -25.27
N GLU B 240 -21.63 -7.17 -25.40
CA GLU B 240 -22.77 -6.29 -25.64
C GLU B 240 -23.84 -6.58 -24.61
N VAL B 241 -24.77 -5.64 -24.44
CA VAL B 241 -25.86 -5.76 -23.49
C VAL B 241 -27.16 -5.34 -24.16
N ARG B 242 -28.19 -6.16 -24.03
CA ARG B 242 -29.52 -5.84 -24.55
C ARG B 242 -30.35 -5.27 -23.40
N PHE B 243 -30.98 -4.13 -23.64
CA PHE B 243 -31.65 -3.37 -22.58
C PHE B 243 -33.16 -3.61 -22.66
N ASP B 244 -33.66 -4.49 -21.79
CA ASP B 244 -35.09 -4.77 -21.70
C ASP B 244 -35.81 -3.55 -21.13
N GLU B 245 -36.46 -2.77 -22.00
CA GLU B 245 -37.08 -1.52 -21.55
C GLU B 245 -38.25 -1.79 -20.61
N SER B 246 -38.91 -2.94 -20.74
CA SER B 246 -40.02 -3.27 -19.84
C SER B 246 -39.51 -3.41 -18.41
N ASN B 247 -38.50 -4.26 -18.21
CA ASN B 247 -37.84 -4.36 -16.91
C ASN B 247 -36.63 -3.44 -16.96
N ARG B 248 -36.89 -2.14 -16.80
CA ARG B 248 -35.86 -1.13 -16.95
C ARG B 248 -34.70 -1.32 -15.99
N LEU B 249 -34.93 -2.01 -14.87
CA LEU B 249 -33.90 -2.25 -13.87
C LEU B 249 -33.55 -3.73 -13.79
N ALA B 250 -33.56 -4.41 -14.94
CA ALA B 250 -33.23 -5.83 -14.98
C ALA B 250 -31.86 -6.07 -14.37
N THR B 251 -31.74 -7.22 -13.70
CA THR B 251 -30.50 -7.55 -12.99
C THR B 251 -29.28 -7.56 -13.92
N HIS B 252 -29.47 -7.79 -15.22
CA HIS B 252 -28.35 -7.82 -16.15
C HIS B 252 -27.92 -6.44 -16.60
N HIS B 253 -28.66 -5.39 -16.24
CA HIS B 253 -28.24 -4.03 -16.52
C HIS B 253 -27.14 -3.55 -15.58
N TYR B 254 -26.81 -4.32 -14.55
CA TYR B 254 -25.87 -3.92 -13.51
C TYR B 254 -24.49 -4.49 -13.83
N LEU B 255 -23.60 -3.64 -14.32
CA LEU B 255 -22.22 -4.04 -14.53
C LEU B 255 -21.46 -4.12 -13.21
N TYR B 256 -21.77 -3.22 -12.27
CA TYR B 256 -21.17 -3.24 -10.94
C TYR B 256 -22.25 -3.00 -9.91
N GLN B 257 -22.17 -3.74 -8.80
CA GLN B 257 -23.07 -3.58 -7.67
C GLN B 257 -22.26 -3.23 -6.43
N ARG B 258 -22.65 -2.14 -5.76
CA ARG B 258 -21.86 -1.60 -4.67
C ARG B 258 -21.70 -2.62 -3.55
N SER B 259 -20.50 -2.63 -2.96
CA SER B 259 -20.19 -3.50 -1.82
C SER B 259 -20.59 -4.94 -2.10
N GLN B 260 -20.44 -5.35 -3.36
CA GLN B 260 -20.70 -6.72 -3.78
C GLN B 260 -19.46 -7.25 -4.49
N PRO B 261 -18.97 -8.44 -4.15
CA PRO B 261 -17.73 -8.93 -4.77
C PRO B 261 -17.78 -8.83 -6.28
N VAL B 262 -16.65 -8.46 -6.88
CA VAL B 262 -16.52 -8.34 -8.32
C VAL B 262 -15.18 -8.93 -8.74
N ASP B 263 -15.07 -9.28 -10.03
CA ASP B 263 -13.89 -9.95 -10.54
C ASP B 263 -13.49 -9.49 -11.94
N TYR B 264 -13.88 -8.30 -12.36
CA TYR B 264 -13.63 -7.91 -13.74
C TYR B 264 -13.44 -6.41 -13.90
N PHE B 265 -12.78 -6.06 -15.00
CA PHE B 265 -12.57 -4.69 -15.43
C PHE B 265 -13.48 -4.41 -16.61
N ILE B 266 -14.06 -3.22 -16.65
CA ILE B 266 -14.99 -2.85 -17.73
C ILE B 266 -14.64 -1.45 -18.24
N LEU B 267 -14.52 -1.34 -19.55
CA LEU B 267 -14.44 -0.05 -20.24
C LEU B 267 -15.62 0.03 -21.21
N ILE B 268 -16.31 1.15 -21.19
CA ILE B 268 -17.49 1.35 -22.02
C ILE B 268 -17.05 1.89 -23.37
N LEU B 269 -17.32 1.12 -24.43
CA LEU B 269 -16.99 1.54 -25.78
C LEU B 269 -18.09 2.40 -26.39
N GLN B 270 -19.36 2.03 -26.17
CA GLN B 270 -20.48 2.78 -26.70
C GLN B 270 -21.70 2.56 -25.81
N GLY B 271 -22.40 3.65 -25.53
CA GLY B 271 -23.61 3.61 -24.73
C GLY B 271 -23.51 4.53 -23.53
N ARG B 272 -24.50 4.41 -22.65
CA ARG B 272 -24.61 5.26 -21.48
C ARG B 272 -24.97 4.41 -20.26
N VAL B 273 -24.48 4.82 -19.10
CA VAL B 273 -24.73 4.13 -17.84
C VAL B 273 -24.96 5.16 -16.73
N GLU B 274 -25.63 4.69 -15.68
CA GLU B 274 -25.92 5.46 -14.49
C GLU B 274 -25.05 4.93 -13.36
N VAL B 275 -24.24 5.80 -12.77
CA VAL B 275 -23.31 5.43 -11.71
C VAL B 275 -23.81 6.03 -10.40
N GLU B 276 -23.92 5.19 -9.37
CA GLU B 276 -24.27 5.63 -8.02
C GLU B 276 -23.03 5.46 -7.15
N ILE B 277 -22.44 6.60 -6.78
CA ILE B 277 -21.14 6.65 -6.10
C ILE B 277 -21.35 6.94 -4.62
N GLY B 278 -20.46 6.38 -3.80
CA GLY B 278 -20.39 6.70 -2.39
C GLY B 278 -21.55 6.19 -1.56
N LYS B 279 -21.39 6.24 -0.24
CA LYS B 279 -22.49 5.88 0.66
C LYS B 279 -23.71 6.77 0.45
N GLU B 280 -23.49 8.00 -0.02
CA GLU B 280 -24.61 8.93 -0.21
C GLU B 280 -25.48 8.53 -1.39
N GLY B 281 -24.88 7.89 -2.40
CA GLY B 281 -25.62 7.54 -3.60
C GLY B 281 -25.64 8.61 -4.64
N LEU B 282 -24.55 9.38 -4.77
CA LEU B 282 -24.48 10.43 -5.79
C LEU B 282 -24.64 9.82 -7.16
N LYS B 283 -25.66 10.26 -7.89
CA LYS B 283 -26.00 9.69 -9.20
C LYS B 283 -25.42 10.57 -10.29
N PHE B 284 -24.58 9.98 -11.14
CA PHE B 284 -24.06 10.65 -12.31
C PHE B 284 -24.33 9.77 -13.53
N GLU B 285 -24.21 10.38 -14.72
CA GLU B 285 -24.41 9.67 -15.97
C GLU B 285 -23.09 9.67 -16.72
N ASN B 286 -22.57 8.49 -17.01
CA ASN B 286 -21.30 8.34 -17.69
C ASN B 286 -21.51 7.62 -19.01
N GLY B 287 -20.58 7.86 -19.94
CA GLY B 287 -20.71 7.33 -21.29
C GLY B 287 -19.44 6.64 -21.73
N ALA B 288 -19.13 6.81 -23.01
CA ALA B 288 -18.02 6.10 -23.62
C ALA B 288 -16.69 6.51 -23.02
N PHE B 289 -15.76 5.57 -23.00
CA PHE B 289 -14.39 5.80 -22.53
C PHE B 289 -14.38 6.32 -21.10
N THR B 290 -15.08 5.61 -20.21
CA THR B 290 -14.97 5.79 -18.77
C THR B 290 -14.86 4.39 -18.18
N TYR B 291 -13.67 4.04 -17.71
CA TYR B 291 -13.40 2.68 -17.25
C TYR B 291 -13.70 2.55 -15.76
N TYR B 292 -14.00 1.33 -15.34
CA TYR B 292 -14.43 1.07 -13.97
C TYR B 292 -13.73 -0.17 -13.44
N GLY B 293 -13.55 -0.20 -12.11
CA GLY B 293 -13.06 -1.39 -11.44
C GLY B 293 -11.66 -1.84 -11.82
N VAL B 294 -10.69 -0.92 -11.84
CA VAL B 294 -9.32 -1.32 -12.16
C VAL B 294 -8.74 -2.18 -11.03
N SER B 295 -9.11 -1.88 -9.79
CA SER B 295 -8.57 -2.61 -8.65
C SER B 295 -8.91 -4.09 -8.69
N ALA B 296 -9.83 -4.51 -9.55
CA ALA B 296 -10.20 -5.92 -9.66
C ALA B 296 -9.12 -6.75 -10.35
N LEU B 297 -8.17 -6.12 -11.04
CA LEU B 297 -7.15 -6.87 -11.77
C LEU B 297 -5.84 -7.01 -11.01
N THR B 298 -5.48 -6.04 -10.17
CA THR B 298 -4.24 -6.12 -9.41
C THR B 298 -4.30 -7.26 -8.40
N ALA B 330 -10.66 -9.74 -1.17
CA ALA B 330 -11.24 -9.48 -2.48
C ALA B 330 -11.47 -7.99 -2.69
N TYR B 331 -12.02 -7.64 -3.85
CA TYR B 331 -12.32 -6.25 -4.19
C TYR B 331 -13.82 -6.09 -4.37
N CYS B 332 -14.39 -5.08 -3.71
CA CYS B 332 -15.79 -4.73 -3.85
C CYS B 332 -15.85 -3.24 -4.17
N PRO B 333 -16.60 -2.85 -5.20
CA PRO B 333 -16.57 -1.44 -5.61
C PRO B 333 -17.20 -0.53 -4.56
N ASP B 334 -16.94 0.77 -4.73
CA ASP B 334 -17.56 1.80 -3.92
C ASP B 334 -18.76 2.43 -4.61
N TYR B 335 -19.29 1.77 -5.64
CA TYR B 335 -20.39 2.33 -6.43
C TYR B 335 -21.13 1.19 -7.10
N THR B 336 -22.24 1.53 -7.74
CA THR B 336 -23.00 0.60 -8.56
C THR B 336 -23.25 1.22 -9.92
N VAL B 337 -22.92 0.49 -10.98
CA VAL B 337 -23.11 0.93 -12.36
C VAL B 337 -24.29 0.16 -12.94
N ARG B 338 -25.19 0.88 -13.60
CA ARG B 338 -26.36 0.28 -14.23
C ARG B 338 -26.45 0.73 -15.68
N ALA B 339 -26.95 -0.15 -16.54
CA ALA B 339 -27.07 0.15 -17.96
C ALA B 339 -28.27 1.02 -18.23
N LEU B 340 -28.09 2.03 -19.07
CA LEU B 340 -29.17 2.90 -19.53
C LEU B 340 -29.52 2.73 -20.99
N SER B 341 -28.72 1.99 -21.75
CA SER B 341 -28.93 1.83 -23.18
C SER B 341 -28.25 0.55 -23.62
N ASP B 342 -28.34 0.24 -24.91
CA ASP B 342 -27.57 -0.87 -25.46
C ASP B 342 -26.08 -0.53 -25.37
N LEU B 343 -25.32 -1.42 -24.76
CA LEU B 343 -23.93 -1.17 -24.42
C LEU B 343 -23.00 -2.03 -25.27
N GLN B 344 -21.92 -1.41 -25.72
CA GLN B 344 -20.75 -2.12 -26.25
C GLN B 344 -19.60 -1.85 -25.30
N LEU B 345 -19.03 -2.90 -24.72
CA LEU B 345 -17.98 -2.73 -23.73
C LEU B 345 -16.95 -3.84 -23.90
N ILE B 346 -15.87 -3.72 -23.13
CA ILE B 346 -14.84 -4.75 -23.07
C ILE B 346 -14.68 -5.13 -21.60
N LYS B 347 -14.91 -6.40 -21.30
CA LYS B 347 -14.76 -6.92 -19.94
C LYS B 347 -13.50 -7.75 -19.88
N VAL B 348 -12.74 -7.57 -18.81
CA VAL B 348 -11.45 -8.23 -18.63
C VAL B 348 -11.41 -8.76 -17.20
N THR B 349 -11.51 -10.09 -17.06
CA THR B 349 -11.46 -10.70 -15.75
C THR B 349 -10.01 -10.75 -15.25
N ARG B 350 -9.86 -10.93 -13.94
CA ARG B 350 -8.52 -11.05 -13.38
C ARG B 350 -7.76 -12.19 -14.03
N LEU B 351 -8.43 -13.32 -14.28
CA LEU B 351 -7.76 -14.46 -14.91
C LEU B 351 -7.28 -14.11 -16.31
N GLN B 352 -8.11 -13.40 -17.08
CA GLN B 352 -7.68 -12.95 -18.40
C GLN B 352 -6.45 -12.06 -18.29
N TYR B 353 -6.41 -11.20 -17.27
CA TYR B 353 -5.26 -10.34 -17.05
C TYR B 353 -4.02 -11.16 -16.71
N LEU B 354 -4.18 -12.19 -15.88
CA LEU B 354 -3.05 -13.05 -15.54
C LEU B 354 -2.52 -13.76 -16.76
N ASN B 355 -3.41 -14.24 -17.62
CA ASN B 355 -2.97 -14.92 -18.84
C ASN B 355 -2.29 -13.94 -19.80
N ALA B 356 -2.77 -12.69 -19.85
CA ALA B 356 -2.10 -11.69 -20.67
C ALA B 356 -0.70 -11.39 -20.13
N LEU B 357 -0.56 -11.28 -18.81
CA LEU B 357 0.75 -11.04 -18.22
C LEU B 357 1.69 -12.20 -18.48
N LEU B 358 1.19 -13.43 -18.34
CA LEU B 358 2.00 -14.61 -18.64
C LEU B 358 2.48 -14.59 -20.08
N ALA B 359 1.55 -14.36 -21.01
CA ALA B 359 1.92 -14.30 -22.42
C ALA B 359 2.97 -13.22 -22.67
N THR B 360 2.82 -12.06 -22.02
CA THR B 360 3.76 -10.97 -22.22
C THR B 360 5.13 -11.30 -21.66
N ARG B 361 5.19 -11.94 -20.49
CA ARG B 361 6.48 -12.29 -19.91
C ARG B 361 7.12 -13.46 -20.63
N ALA B 362 6.33 -14.25 -21.36
CA ALA B 362 6.88 -15.26 -22.25
C ALA B 362 7.43 -14.63 -23.52
N GLN B 363 6.72 -13.62 -24.04
CA GLN B 363 7.15 -12.93 -25.24
C GLN B 363 8.47 -12.20 -25.01
N ASN B 364 8.54 -11.40 -23.95
CA ASN B 364 9.79 -10.70 -23.64
C ASN B 364 10.93 -11.70 -23.50
N LEU B 365 10.72 -12.77 -22.74
CA LEU B 365 11.68 -13.86 -22.65
C LEU B 365 11.10 -15.02 -21.85
#